data_4OGW
#
_entry.id   4OGW
#
_cell.length_a   49.341
_cell.length_b   64.467
_cell.length_c   73.501
_cell.angle_alpha   90.00
_cell.angle_beta   90.00
_cell.angle_gamma   90.00
#
_symmetry.space_group_name_H-M   'P 21 21 21'
#
loop_
_entity.id
_entity.type
_entity.pdbx_description
1 polymer 'ADP-ribosyl cyclase 1'
2 non-polymer 'BETA-NICOTINAMIDE RIBOSE MONOPHOSPHATE'
3 water water
#
_entity_poly.entity_id   1
_entity_poly.type   'polypeptide(L)'
_entity_poly.pdbx_seq_one_letter_code
;GSWRQQWSGPGTTKRFPETVLARCVKYTEIHPEMRHVDCQSVWDAFKGAFISKHPCDITEEDYQPLMKLGTQTVPCNKIL
LWSRIKDLAHQFTQVQRDMFTLEDTLLGYLADDLTWCGEFATSKINYQSCPDWRKDCSNNPVSVFWKTVSRRFAEAACDV
VHVMLDGSRSKIFDKDSTFGSVQVHNLQPEKVQTLEAWVIHGGREDSRDLCQDPTIKELESIISKRNIQFSCKNIYRPDK
FLQCVKNPEDSSCTSEI
;
_entity_poly.pdbx_strand_id   A
#
loop_
_chem_comp.id
_chem_comp.type
_chem_comp.name
_chem_comp.formula
NMN non-polymer 'BETA-NICOTINAMIDE RIBOSE MONOPHOSPHATE' 'C11 H16 N2 O8 P 1'
#
# COMPACT_ATOMS: atom_id res chain seq x y z
N SER A 2 4.09 36.30 -12.39
CA SER A 2 5.24 36.15 -11.45
C SER A 2 5.71 34.69 -11.35
N TRP A 3 6.69 34.43 -10.49
CA TRP A 3 7.25 33.09 -10.33
C TRP A 3 6.44 32.22 -9.38
N ARG A 4 6.17 30.99 -9.83
CA ARG A 4 5.62 29.95 -8.98
C ARG A 4 6.50 28.71 -9.07
N GLN A 5 6.81 28.11 -7.92
CA GLN A 5 7.66 26.92 -7.84
C GLN A 5 7.03 25.74 -8.58
N GLN A 6 7.85 25.04 -9.36
CA GLN A 6 7.38 23.90 -10.14
C GLN A 6 8.19 22.66 -9.84
N TRP A 7 7.49 21.59 -9.47
CA TRP A 7 8.12 20.30 -9.22
C TRP A 7 8.10 19.46 -10.50
N SER A 8 8.66 18.25 -10.42
CA SER A 8 8.74 17.33 -11.55
C SER A 8 7.58 16.35 -11.63
N GLY A 9 6.94 16.09 -10.50
CA GLY A 9 5.85 15.12 -10.44
C GLY A 9 4.49 15.74 -10.73
N PRO A 10 3.51 14.91 -11.09
CA PRO A 10 2.14 15.37 -11.33
C PRO A 10 1.54 16.04 -10.09
N GLY A 11 0.72 17.07 -10.31
CA GLY A 11 0.08 17.80 -9.23
C GLY A 11 -1.02 17.04 -8.53
N THR A 12 -1.59 17.68 -7.51
CA THR A 12 -2.70 17.09 -6.76
C THR A 12 -3.86 16.78 -7.70
N THR A 13 -4.42 15.57 -7.57
CA THR A 13 -5.59 15.15 -8.33
C THR A 13 -6.69 16.19 -8.22
N LYS A 14 -7.30 16.54 -9.35
CA LYS A 14 -8.41 17.48 -9.36
C LYS A 14 -9.52 16.97 -8.43
N ARG A 15 -10.07 17.88 -7.62
CA ARG A 15 -11.14 17.57 -6.68
C ARG A 15 -10.74 16.63 -5.52
N PHE A 16 -9.43 16.54 -5.26
CA PHE A 16 -8.90 15.79 -4.12
C PHE A 16 -9.69 15.96 -2.81
N PRO A 17 -9.94 17.22 -2.37
CA PRO A 17 -10.67 17.39 -1.10
C PRO A 17 -12.06 16.76 -1.14
N GLU A 18 -12.79 17.01 -2.22
CA GLU A 18 -14.13 16.47 -2.42
C GLU A 18 -14.11 14.94 -2.47
N THR A 19 -13.15 14.40 -3.22
CA THR A 19 -12.99 12.95 -3.37
C THR A 19 -12.65 12.25 -2.06
N VAL A 20 -11.69 12.77 -1.30
CA VAL A 20 -11.29 12.16 -0.03
C VAL A 20 -12.46 12.13 0.95
N LEU A 21 -13.20 13.24 1.04
CA LEU A 21 -14.39 13.31 1.89
C LEU A 21 -15.47 12.32 1.43
N ALA A 22 -15.70 12.27 0.12
CA ALA A 22 -16.69 11.36 -0.46
C ALA A 22 -16.33 9.90 -0.23
N ARG A 23 -15.04 9.58 -0.35
CA ARG A 23 -14.54 8.23 -0.08
C ARG A 23 -14.76 7.81 1.36
N CYS A 24 -14.52 8.72 2.29
CA CYS A 24 -14.74 8.47 3.71
C CYS A 24 -16.22 8.17 3.98
N VAL A 25 -17.10 9.01 3.44
CA VAL A 25 -18.55 8.82 3.59
C VAL A 25 -18.98 7.47 3.01
N LYS A 26 -18.53 7.16 1.80
CA LYS A 26 -18.85 5.88 1.17
C LYS A 26 -18.37 4.68 2.00
N TYR A 27 -17.12 4.75 2.47
CA TYR A 27 -16.52 3.66 3.24
C TYR A 27 -17.28 3.38 4.54
N THR A 28 -17.52 4.44 5.31
CA THR A 28 -18.21 4.32 6.60
C THR A 28 -19.67 3.86 6.46
N GLU A 29 -20.26 4.08 5.29
CA GLU A 29 -21.63 3.62 5.00
C GLU A 29 -21.74 2.11 4.82
N ILE A 30 -20.72 1.48 4.24
CA ILE A 30 -20.73 0.02 4.03
C ILE A 30 -19.93 -0.78 5.07
N HIS A 31 -19.16 -0.09 5.91
CA HIS A 31 -18.39 -0.72 6.97
C HIS A 31 -18.90 -0.30 8.35
N PRO A 32 -19.95 -0.97 8.88
CA PRO A 32 -20.56 -0.64 10.17
C PRO A 32 -19.58 -0.50 11.34
N GLU A 33 -18.42 -1.16 11.24
CA GLU A 33 -17.37 -1.03 12.24
C GLU A 33 -16.77 0.39 12.28
N MET A 34 -16.86 1.10 11.15
CA MET A 34 -16.32 2.46 11.02
C MET A 34 -17.45 3.49 10.85
N ARG A 35 -18.68 3.06 11.08
CA ARG A 35 -19.90 3.84 10.79
C ARG A 35 -19.94 5.24 11.41
N HIS A 36 -19.36 5.39 12.59
CA HIS A 36 -19.44 6.67 13.32
C HIS A 36 -18.13 7.46 13.36
N VAL A 37 -17.24 7.15 12.41
CA VAL A 37 -16.08 7.98 12.14
C VAL A 37 -16.59 9.32 11.58
N ASP A 38 -16.09 10.42 12.14
CA ASP A 38 -16.41 11.76 11.66
C ASP A 38 -15.53 12.06 10.45
N CYS A 39 -16.15 12.08 9.27
CA CYS A 39 -15.40 12.22 8.01
C CYS A 39 -14.78 13.60 7.79
N GLN A 40 -15.42 14.63 8.33
CA GLN A 40 -14.86 15.99 8.31
C GLN A 40 -13.59 16.06 9.15
N SER A 41 -13.61 15.44 10.33
CA SER A 41 -12.41 15.33 11.17
C SER A 41 -11.30 14.55 10.48
N VAL A 42 -11.68 13.51 9.73
CA VAL A 42 -10.72 12.73 8.96
C VAL A 42 -10.04 13.62 7.92
N TRP A 43 -10.85 14.31 7.11
CA TRP A 43 -10.33 15.24 6.12
C TRP A 43 -9.45 16.34 6.74
N ASP A 44 -9.94 16.96 7.81
CA ASP A 44 -9.19 17.99 8.54
C ASP A 44 -7.80 17.49 8.96
N ALA A 45 -7.75 16.26 9.46
CA ALA A 45 -6.49 15.65 9.89
C ALA A 45 -5.56 15.30 8.71
N PHE A 46 -6.15 14.77 7.64
CA PHE A 46 -5.42 14.44 6.41
C PHE A 46 -4.78 15.71 5.85
N LYS A 47 -5.63 16.72 5.61
CA LYS A 47 -5.20 18.05 5.17
C LYS A 47 -4.10 18.63 6.05
N GLY A 48 -4.33 18.62 7.37
CA GLY A 48 -3.38 19.16 8.34
C GLY A 48 -2.01 18.51 8.36
N ALA A 49 -1.90 17.32 7.77
CA ALA A 49 -0.62 16.61 7.70
C ALA A 49 0.37 17.26 6.73
N PHE A 50 -0.15 17.96 5.72
CA PHE A 50 0.70 18.45 4.63
C PHE A 50 0.48 19.91 4.19
N ILE A 51 -0.71 20.47 4.46
CA ILE A 51 -0.95 21.86 4.04
C ILE A 51 -0.14 22.83 4.90
N SER A 52 0.26 23.96 4.30
CA SER A 52 1.09 24.97 4.96
C SER A 52 2.52 24.49 5.24
N LYS A 53 2.86 23.30 4.75
CA LYS A 53 4.21 22.78 4.90
C LYS A 53 4.91 22.68 3.56
N HIS A 54 6.22 22.95 3.55
CA HIS A 54 7.03 22.65 2.38
C HIS A 54 6.87 21.15 2.10
N PRO A 55 6.59 20.78 0.84
CA PRO A 55 6.27 19.38 0.56
C PRO A 55 7.47 18.42 0.59
N CYS A 56 8.65 18.92 1.01
CA CYS A 56 9.79 18.06 1.32
C CYS A 56 10.10 18.03 2.82
N ASP A 57 9.27 18.72 3.60
N ASP A 57 9.24 18.67 3.61
CA ASP A 57 9.40 18.75 5.05
CA ASP A 57 9.43 18.74 5.07
C ASP A 57 8.26 17.97 5.72
C ASP A 57 8.60 17.68 5.82
N ILE A 58 7.84 16.88 5.07
CA ILE A 58 6.86 15.97 5.66
C ILE A 58 7.54 14.78 6.35
N THR A 59 7.09 14.48 7.57
CA THR A 59 7.56 13.29 8.29
C THR A 59 6.38 12.38 8.63
N GLU A 60 6.66 11.18 9.09
CA GLU A 60 5.62 10.22 9.46
C GLU A 60 4.73 10.74 10.59
N GLU A 61 5.30 11.51 11.51
CA GLU A 61 4.53 12.12 12.60
C GLU A 61 3.41 13.05 12.14
N ASP A 62 3.59 13.66 10.97
CA ASP A 62 2.57 14.55 10.41
C ASP A 62 1.24 13.82 10.16
N TYR A 63 1.33 12.53 9.86
CA TYR A 63 0.14 11.72 9.57
C TYR A 63 -0.44 11.00 10.79
N GLN A 64 0.22 11.14 11.94
CA GLN A 64 -0.22 10.47 13.17
C GLN A 64 -1.65 10.85 13.61
N PRO A 65 -2.04 12.14 13.51
CA PRO A 65 -3.44 12.47 13.81
C PRO A 65 -4.44 11.75 12.91
N LEU A 66 -4.15 11.68 11.61
CA LEU A 66 -4.98 10.92 10.67
C LEU A 66 -5.04 9.43 11.01
N MET A 67 -3.88 8.85 11.30
N MET A 67 -3.89 8.83 11.31
CA MET A 67 -3.74 7.43 11.64
CA MET A 67 -3.80 7.39 11.61
C MET A 67 -4.65 7.05 12.80
C MET A 67 -4.56 6.98 12.87
N LYS A 68 -4.66 7.91 13.83
CA LYS A 68 -5.45 7.69 15.04
C LYS A 68 -6.95 7.69 14.74
N LEU A 69 -7.38 8.63 13.89
CA LEU A 69 -8.80 8.73 13.51
C LEU A 69 -9.23 7.58 12.60
N GLY A 70 -8.30 7.08 11.78
CA GLY A 70 -8.58 5.97 10.87
C GLY A 70 -8.09 4.63 11.40
N THR A 71 -7.90 4.55 12.72
CA THR A 71 -7.47 3.31 13.38
C THR A 71 -8.42 2.17 13.00
N GLN A 72 -7.82 1.10 12.49
CA GLN A 72 -8.58 -0.05 12.02
C GLN A 72 -7.63 -1.23 12.02
N THR A 73 -7.94 -2.22 12.84
CA THR A 73 -7.09 -3.39 12.94
C THR A 73 -7.91 -4.61 12.55
N VAL A 74 -7.86 -4.90 11.25
CA VAL A 74 -8.59 -6.03 10.68
C VAL A 74 -8.00 -7.35 11.17
N PRO A 75 -8.73 -8.47 11.01
CA PRO A 75 -8.17 -9.76 11.40
C PRO A 75 -6.76 -9.95 10.79
N CYS A 76 -5.76 -10.10 11.65
CA CYS A 76 -4.35 -10.11 11.23
C CYS A 76 -3.99 -11.28 10.31
N ASN A 77 -4.82 -12.31 10.33
CA ASN A 77 -4.62 -13.50 9.50
C ASN A 77 -5.29 -13.40 8.13
N LYS A 78 -5.79 -12.21 7.80
CA LYS A 78 -6.51 -11.99 6.54
C LYS A 78 -5.87 -10.90 5.70
N ILE A 79 -4.55 -10.81 5.77
CA ILE A 79 -3.80 -9.75 5.11
C ILE A 79 -3.23 -10.20 3.77
N LEU A 80 -3.47 -9.38 2.74
CA LEU A 80 -2.81 -9.57 1.46
C LEU A 80 -1.93 -8.36 1.14
N LEU A 81 -0.64 -8.62 0.97
CA LEU A 81 0.30 -7.60 0.54
C LEU A 81 0.55 -7.76 -0.96
N TRP A 82 1.11 -6.73 -1.57
CA TRP A 82 1.47 -6.78 -2.99
C TRP A 82 2.67 -5.88 -3.26
N SER A 83 3.24 -6.01 -4.45
CA SER A 83 4.35 -5.14 -4.84
C SER A 83 4.26 -4.85 -6.33
N ARG A 84 4.35 -3.56 -6.67
CA ARG A 84 4.30 -3.04 -8.05
C ARG A 84 2.88 -3.07 -8.64
N ILE A 85 2.26 -4.24 -8.69
CA ILE A 85 0.90 -4.37 -9.24
C ILE A 85 -0.15 -4.72 -8.18
N LYS A 86 -1.30 -4.06 -8.26
CA LYS A 86 -2.36 -4.19 -7.25
C LYS A 86 -3.70 -4.66 -7.83
N ASP A 87 -3.82 -4.60 -9.15
CA ASP A 87 -5.07 -4.94 -9.85
C ASP A 87 -5.60 -6.33 -9.47
N LEU A 88 -4.73 -7.35 -9.54
CA LEU A 88 -5.13 -8.70 -9.18
C LEU A 88 -5.40 -8.84 -7.68
N ALA A 89 -4.60 -8.15 -6.86
CA ALA A 89 -4.77 -8.15 -5.40
C ALA A 89 -6.15 -7.65 -5.02
N HIS A 90 -6.56 -6.53 -5.63
CA HIS A 90 -7.87 -5.94 -5.37
C HIS A 90 -9.02 -6.81 -5.91
N GLN A 91 -8.83 -7.38 -7.11
CA GLN A 91 -9.79 -8.35 -7.66
C GLN A 91 -9.94 -9.56 -6.73
N PHE A 92 -8.83 -10.03 -6.17
CA PHE A 92 -8.84 -11.14 -5.21
C PHE A 92 -9.68 -10.82 -3.96
N THR A 93 -9.48 -9.65 -3.35
CA THR A 93 -10.25 -9.28 -2.15
C THR A 93 -11.73 -8.95 -2.45
N GLN A 94 -12.09 -8.86 -3.73
CA GLN A 94 -13.49 -8.72 -4.13
C GLN A 94 -14.15 -10.10 -4.25
N VAL A 95 -13.33 -11.13 -4.47
CA VAL A 95 -13.80 -12.52 -4.51
C VAL A 95 -13.73 -13.14 -3.12
N GLN A 96 -12.55 -13.06 -2.51
CA GLN A 96 -12.33 -13.53 -1.13
C GLN A 96 -12.54 -12.34 -0.20
N ARG A 97 -13.79 -12.09 0.16
CA ARG A 97 -14.18 -10.80 0.74
C ARG A 97 -13.82 -10.61 2.22
N ASP A 98 -13.37 -11.66 2.88
CA ASP A 98 -12.87 -11.55 4.25
C ASP A 98 -11.38 -11.17 4.32
N MET A 99 -10.74 -11.06 3.15
CA MET A 99 -9.33 -10.65 3.04
C MET A 99 -9.18 -9.14 2.82
N PHE A 100 -8.05 -8.58 3.27
CA PHE A 100 -7.78 -7.14 3.12
C PHE A 100 -6.41 -6.85 2.49
N THR A 101 -6.41 -5.99 1.47
CA THR A 101 -5.19 -5.26 1.13
C THR A 101 -5.25 -3.96 1.94
N LEU A 102 -4.15 -3.23 1.99
CA LEU A 102 -4.12 -1.91 2.62
C LEU A 102 -5.19 -1.00 2.04
N GLU A 103 -5.43 -1.13 0.75
CA GLU A 103 -6.37 -0.28 0.03
C GLU A 103 -7.84 -0.64 0.29
N ASP A 104 -8.07 -1.74 1.02
CA ASP A 104 -9.41 -2.11 1.49
C ASP A 104 -9.68 -1.64 2.92
N THR A 105 -8.66 -1.04 3.54
CA THR A 105 -8.84 -0.39 4.85
C THR A 105 -9.17 1.07 4.60
N LEU A 106 -9.84 1.71 5.54
CA LEU A 106 -10.24 3.11 5.40
C LEU A 106 -9.11 4.01 4.88
N LEU A 107 -7.96 3.97 5.53
CA LEU A 107 -6.85 4.87 5.22
C LEU A 107 -6.26 4.64 3.83
N GLY A 108 -6.08 3.37 3.46
CA GLY A 108 -5.61 3.02 2.13
C GLY A 108 -6.64 3.37 1.07
N TYR A 109 -7.91 3.11 1.39
CA TYR A 109 -9.04 3.41 0.51
C TYR A 109 -9.16 4.91 0.20
N LEU A 110 -8.88 5.74 1.19
CA LEU A 110 -8.94 7.21 1.05
C LEU A 110 -7.99 7.79 0.02
N ALA A 111 -6.82 7.18 -0.12
CA ALA A 111 -5.70 7.78 -0.86
C ALA A 111 -5.31 7.02 -2.12
N ASP A 112 -5.82 5.81 -2.28
CA ASP A 112 -5.45 4.97 -3.42
C ASP A 112 -5.71 5.69 -4.75
N ASP A 113 -4.67 5.75 -5.58
CA ASP A 113 -4.75 6.35 -6.92
C ASP A 113 -4.75 7.88 -6.93
N LEU A 114 -4.54 8.49 -5.76
CA LEU A 114 -4.55 9.95 -5.64
C LEU A 114 -3.15 10.49 -5.37
N THR A 115 -2.94 11.73 -5.78
CA THR A 115 -1.71 12.46 -5.52
C THR A 115 -2.07 13.79 -4.86
N TRP A 116 -1.23 14.27 -3.96
CA TRP A 116 -1.51 15.51 -3.23
C TRP A 116 -0.24 16.14 -2.67
N CYS A 117 -0.25 17.47 -2.52
CA CYS A 117 0.80 18.21 -1.85
C CYS A 117 0.36 19.65 -1.64
N GLY A 118 0.98 20.32 -0.68
CA GLY A 118 0.71 21.74 -0.42
C GLY A 118 1.95 22.56 -0.65
N GLU A 119 2.04 23.69 0.07
CA GLU A 119 3.20 24.57 0.01
C GLU A 119 3.39 25.27 1.35
N PHE A 120 4.58 25.83 1.57
CA PHE A 120 4.90 26.49 2.83
C PHE A 120 4.02 27.72 3.08
N ALA A 121 3.54 27.83 4.32
CA ALA A 121 2.91 29.05 4.87
C ALA A 121 1.41 29.28 4.53
N THR A 122 0.99 28.87 3.33
CA THR A 122 -0.43 29.00 2.95
C THR A 122 -1.18 27.68 3.02
N SER A 123 -2.51 27.73 2.94
CA SER A 123 -3.32 26.52 2.99
C SER A 123 -3.66 25.97 1.61
N LYS A 124 -2.97 26.48 0.59
CA LYS A 124 -3.27 26.12 -0.80
C LYS A 124 -2.74 24.75 -1.19
N ILE A 125 -3.63 23.95 -1.79
CA ILE A 125 -3.27 22.67 -2.39
C ILE A 125 -2.67 22.94 -3.78
N ASN A 126 -1.56 22.28 -4.10
CA ASN A 126 -0.89 22.48 -5.39
C ASN A 126 -1.39 21.50 -6.45
N TYR A 127 -2.21 22.00 -7.36
CA TYR A 127 -2.78 21.19 -8.45
C TYR A 127 -1.92 21.21 -9.72
N GLN A 128 -0.87 22.03 -9.72
CA GLN A 128 0.04 22.10 -10.87
C GLN A 128 1.12 21.02 -10.81
N SER A 129 1.78 20.89 -9.67
CA SER A 129 2.88 19.91 -9.52
C SER A 129 3.09 19.51 -8.06
N CYS A 130 3.71 18.33 -7.88
CA CYS A 130 4.12 17.85 -6.57
C CYS A 130 5.49 17.21 -6.72
N PRO A 131 6.28 17.20 -5.62
CA PRO A 131 7.64 16.66 -5.73
C PRO A 131 7.69 15.23 -6.25
N ASP A 132 8.65 14.97 -7.13
CA ASP A 132 8.97 13.61 -7.56
C ASP A 132 9.91 13.00 -6.53
N TRP A 133 9.69 11.72 -6.21
N TRP A 133 9.68 11.73 -6.20
CA TRP A 133 10.49 11.00 -5.20
CA TRP A 133 10.47 10.96 -5.22
C TRP A 133 11.98 10.96 -5.51
C TRP A 133 11.97 10.99 -5.52
N ARG A 134 12.31 10.90 -6.80
CA ARG A 134 13.70 10.81 -7.25
C ARG A 134 14.33 12.15 -7.60
N LYS A 135 13.58 13.00 -8.31
CA LYS A 135 14.11 14.26 -8.83
C LYS A 135 14.10 15.41 -7.83
N ASP A 136 13.18 15.37 -6.88
CA ASP A 136 12.94 16.49 -5.96
C ASP A 136 13.24 16.14 -4.52
N CYS A 137 12.50 15.18 -3.97
CA CYS A 137 12.68 14.72 -2.60
C CYS A 137 11.82 13.49 -2.31
N SER A 138 12.38 12.58 -1.51
CA SER A 138 11.66 11.37 -1.09
C SER A 138 10.69 11.66 0.06
N ASN A 139 10.93 12.73 0.81
CA ASN A 139 10.09 13.09 1.95
C ASN A 139 8.90 13.98 1.58
N ASN A 140 8.14 13.55 0.58
CA ASN A 140 6.98 14.30 0.11
C ASN A 140 5.68 13.76 0.71
N PRO A 141 4.58 14.55 0.63
CA PRO A 141 3.32 14.13 1.27
C PRO A 141 2.83 12.73 0.87
N VAL A 142 2.95 12.37 -0.40
CA VAL A 142 2.46 11.07 -0.88
C VAL A 142 3.34 9.90 -0.44
N SER A 143 4.64 9.99 -0.69
CA SER A 143 5.60 8.93 -0.36
C SER A 143 5.64 8.68 1.15
N VAL A 144 5.60 9.75 1.94
CA VAL A 144 5.61 9.65 3.41
C VAL A 144 4.31 9.00 3.94
N PHE A 145 3.17 9.38 3.37
CA PHE A 145 1.89 8.77 3.72
C PHE A 145 1.94 7.24 3.56
N TRP A 146 2.31 6.79 2.37
CA TRP A 146 2.29 5.37 2.05
C TRP A 146 3.29 4.56 2.87
N LYS A 147 4.44 5.18 3.16
CA LYS A 147 5.46 4.56 3.99
C LYS A 147 4.92 4.25 5.39
N THR A 148 4.28 5.23 6.01
CA THR A 148 3.77 5.08 7.38
C THR A 148 2.56 4.13 7.50
N VAL A 149 1.59 4.23 6.59
CA VAL A 149 0.43 3.33 6.62
C VAL A 149 0.75 1.90 6.21
N SER A 150 1.71 1.73 5.30
CA SER A 150 2.14 0.40 4.86
C SER A 150 2.85 -0.38 5.95
N ARG A 151 3.62 0.33 6.78
CA ARG A 151 4.29 -0.30 7.91
C ARG A 151 3.29 -0.73 8.97
N ARG A 152 2.39 0.18 9.35
CA ARG A 152 1.40 -0.08 10.40
C ARG A 152 0.55 -1.30 10.04
N PHE A 153 0.07 -1.33 8.80
CA PHE A 153 -0.76 -2.41 8.27
C PHE A 153 -0.03 -3.75 8.29
N ALA A 154 1.23 -3.75 7.83
CA ALA A 154 2.03 -4.97 7.74
C ALA A 154 2.51 -5.52 9.08
N GLU A 155 2.94 -4.62 9.98
CA GLU A 155 3.47 -5.04 11.27
C GLU A 155 2.45 -5.73 12.18
N ALA A 156 1.17 -5.45 11.94
CA ALA A 156 0.07 -6.04 12.72
C ALA A 156 -0.30 -7.46 12.25
N ALA A 157 0.22 -7.87 11.09
CA ALA A 157 -0.14 -9.16 10.46
C ALA A 157 0.26 -10.39 11.27
N CYS A 158 -0.46 -11.49 11.07
CA CYS A 158 -0.21 -12.75 11.77
C CYS A 158 -0.46 -13.98 10.90
N ASP A 159 -0.05 -15.15 11.39
CA ASP A 159 -0.25 -16.45 10.73
C ASP A 159 0.49 -16.52 9.39
N VAL A 160 -0.27 -16.69 8.30
CA VAL A 160 0.32 -16.67 6.96
C VAL A 160 0.04 -15.33 6.31
N VAL A 161 1.11 -14.64 5.93
CA VAL A 161 0.97 -13.40 5.18
C VAL A 161 1.24 -13.73 3.72
N HIS A 162 0.30 -13.38 2.85
CA HIS A 162 0.47 -13.56 1.42
C HIS A 162 0.88 -12.26 0.77
N VAL A 163 1.76 -12.36 -0.22
CA VAL A 163 2.17 -11.21 -1.02
C VAL A 163 2.15 -11.57 -2.51
N MET A 164 1.48 -10.73 -3.30
CA MET A 164 1.53 -10.83 -4.75
C MET A 164 2.70 -10.02 -5.30
N LEU A 165 3.46 -10.64 -6.19
CA LEU A 165 4.63 -10.01 -6.81
C LEU A 165 4.48 -9.93 -8.32
N ASP A 166 5.09 -8.91 -8.92
CA ASP A 166 5.04 -8.73 -10.37
C ASP A 166 6.13 -9.56 -11.06
N GLY A 167 5.74 -10.71 -11.60
CA GLY A 167 6.66 -11.62 -12.28
C GLY A 167 7.10 -11.20 -13.67
N SER A 168 6.63 -10.04 -14.14
CA SER A 168 7.00 -9.51 -15.46
C SER A 168 8.17 -8.50 -15.40
N ARG A 169 8.62 -8.19 -14.19
CA ARG A 169 9.64 -7.16 -13.98
C ARG A 169 11.05 -7.75 -13.88
N SER A 170 12.05 -6.87 -14.02
CA SER A 170 13.45 -7.26 -13.89
C SER A 170 13.75 -7.80 -12.49
N LYS A 171 13.16 -7.16 -11.48
CA LYS A 171 13.27 -7.63 -10.10
C LYS A 171 11.88 -8.03 -9.60
N ILE A 172 11.58 -9.32 -9.70
CA ILE A 172 10.30 -9.86 -9.22
C ILE A 172 10.09 -9.49 -7.76
N PHE A 173 11.10 -9.76 -6.93
CA PHE A 173 11.19 -9.13 -5.62
C PHE A 173 12.16 -7.95 -5.71
N ASP A 174 11.66 -6.76 -5.41
CA ASP A 174 12.45 -5.55 -5.43
C ASP A 174 12.59 -5.03 -4.00
N LYS A 175 13.82 -5.07 -3.50
CA LYS A 175 14.12 -4.64 -2.13
C LYS A 175 13.91 -3.14 -1.91
N ASP A 176 13.84 -2.39 -3.00
CA ASP A 176 13.64 -0.94 -2.95
C ASP A 176 12.17 -0.52 -3.01
N SER A 177 11.28 -1.50 -3.15
CA SER A 177 9.84 -1.23 -3.11
C SER A 177 9.36 -1.04 -1.67
N THR A 178 8.13 -0.58 -1.48
CA THR A 178 7.56 -0.45 -0.14
C THR A 178 7.50 -1.81 0.54
N PHE A 179 7.09 -2.85 -0.20
CA PHE A 179 7.07 -4.19 0.37
C PHE A 179 8.48 -4.64 0.80
N GLY A 180 9.44 -4.50 -0.11
CA GLY A 180 10.81 -4.94 0.10
C GLY A 180 11.63 -4.15 1.10
N SER A 181 11.34 -2.86 1.24
CA SER A 181 12.14 -1.99 2.12
C SER A 181 11.44 -1.67 3.45
N VAL A 182 10.12 -1.80 3.47
CA VAL A 182 9.34 -1.46 4.66
C VAL A 182 8.59 -2.66 5.24
N GLN A 183 7.68 -3.23 4.45
CA GLN A 183 6.74 -4.23 4.98
C GLN A 183 7.40 -5.54 5.44
N VAL A 184 8.25 -6.11 4.58
CA VAL A 184 8.93 -7.37 4.88
C VAL A 184 9.72 -7.34 6.20
N HIS A 185 10.24 -6.16 6.56
CA HIS A 185 11.07 -5.98 7.75
C HIS A 185 10.28 -5.68 9.02
N ASN A 186 8.96 -5.61 8.88
CA ASN A 186 8.07 -5.37 10.01
C ASN A 186 7.13 -6.54 10.29
N LEU A 187 7.33 -7.65 9.58
CA LEU A 187 6.66 -8.91 9.90
C LEU A 187 7.28 -9.49 11.17
N GLN A 188 6.46 -9.69 12.21
CA GLN A 188 6.96 -10.15 13.51
C GLN A 188 6.81 -11.66 13.67
N PRO A 189 7.93 -12.38 13.93
CA PRO A 189 7.91 -13.84 14.05
C PRO A 189 7.08 -14.37 15.22
N GLU A 190 6.81 -13.52 16.22
CA GLU A 190 5.91 -13.86 17.32
C GLU A 190 4.50 -14.22 16.84
N LYS A 191 4.11 -13.61 15.72
CA LYS A 191 2.75 -13.71 15.21
C LYS A 191 2.71 -14.35 13.81
N VAL A 192 3.73 -14.05 13.01
CA VAL A 192 3.78 -14.52 11.63
C VAL A 192 4.53 -15.83 11.55
N GLN A 193 3.83 -16.85 11.08
CA GLN A 193 4.45 -18.16 10.89
C GLN A 193 5.14 -18.22 9.53
N THR A 194 4.46 -17.72 8.51
CA THR A 194 4.88 -17.93 7.13
C THR A 194 4.59 -16.72 6.25
N LEU A 195 5.57 -16.35 5.42
CA LEU A 195 5.30 -15.48 4.27
C LEU A 195 5.21 -16.34 3.01
N GLU A 196 4.09 -16.23 2.30
CA GLU A 196 3.92 -16.94 1.04
C GLU A 196 3.84 -15.96 -0.12
N ALA A 197 4.77 -16.11 -1.06
CA ALA A 197 4.81 -15.27 -2.26
C ALA A 197 3.97 -15.90 -3.37
N TRP A 198 3.18 -15.06 -4.04
CA TRP A 198 2.40 -15.44 -5.21
C TRP A 198 2.92 -14.63 -6.40
N VAL A 199 3.66 -15.27 -7.29
CA VAL A 199 4.30 -14.57 -8.40
C VAL A 199 3.38 -14.53 -9.62
N ILE A 200 2.94 -13.32 -9.98
N ILE A 200 2.93 -13.32 -9.98
CA ILE A 200 2.00 -13.12 -11.07
CA ILE A 200 1.98 -13.14 -11.07
C ILE A 200 2.70 -13.07 -12.43
C ILE A 200 2.69 -13.07 -12.42
N HIS A 201 2.37 -14.04 -13.29
CA HIS A 201 2.89 -14.07 -14.65
C HIS A 201 2.20 -13.03 -15.54
N GLY A 202 2.99 -12.32 -16.35
CA GLY A 202 2.47 -11.49 -17.43
C GLY A 202 2.36 -12.31 -18.70
N GLY A 203 2.59 -11.68 -19.85
CA GLY A 203 2.49 -12.37 -21.14
C GLY A 203 3.81 -12.89 -21.70
N ARG A 204 4.92 -12.52 -21.09
CA ARG A 204 6.25 -12.77 -21.68
C ARG A 204 7.16 -13.66 -20.83
N GLU A 205 6.58 -14.41 -19.89
CA GLU A 205 7.38 -15.18 -18.94
C GLU A 205 7.63 -16.64 -19.36
N ASP A 206 7.11 -17.00 -20.53
CA ASP A 206 7.39 -18.31 -21.16
C ASP A 206 7.14 -19.50 -20.22
N SER A 207 6.12 -19.37 -19.38
CA SER A 207 5.69 -20.42 -18.42
C SER A 207 6.77 -20.96 -17.49
N ARG A 208 7.82 -20.18 -17.25
CA ARG A 208 8.91 -20.64 -16.40
C ARG A 208 8.56 -20.56 -14.92
N ASP A 209 9.21 -21.40 -14.12
CA ASP A 209 9.02 -21.41 -12.69
C ASP A 209 9.73 -20.21 -12.08
N LEU A 210 8.97 -19.14 -11.88
CA LEU A 210 9.52 -17.88 -11.39
C LEU A 210 9.89 -17.90 -9.91
N CYS A 211 9.44 -18.93 -9.19
CA CYS A 211 9.86 -19.13 -7.81
C CYS A 211 11.34 -19.50 -7.70
N GLN A 212 11.95 -19.87 -8.82
CA GLN A 212 13.38 -20.17 -8.90
C GLN A 212 14.23 -18.93 -9.21
N ASP A 213 13.58 -17.78 -9.35
CA ASP A 213 14.27 -16.53 -9.65
C ASP A 213 15.22 -16.11 -8.52
N PRO A 214 16.40 -15.57 -8.86
CA PRO A 214 17.39 -15.10 -7.87
C PRO A 214 16.83 -14.10 -6.86
N THR A 215 15.91 -13.23 -7.29
CA THR A 215 15.30 -12.27 -6.36
C THR A 215 14.35 -12.93 -5.36
N ILE A 216 13.78 -14.08 -5.73
CA ILE A 216 12.93 -14.83 -4.80
C ILE A 216 13.76 -15.47 -3.69
N LYS A 217 14.94 -15.99 -4.06
CA LYS A 217 15.91 -16.50 -3.07
C LYS A 217 16.37 -15.38 -2.15
N GLU A 218 16.48 -14.17 -2.71
CA GLU A 218 16.81 -12.98 -1.94
C GLU A 218 15.72 -12.67 -0.92
N LEU A 219 14.45 -12.79 -1.32
CA LEU A 219 13.33 -12.63 -0.39
C LEU A 219 13.31 -13.75 0.66
N GLU A 220 13.51 -14.97 0.22
CA GLU A 220 13.58 -16.13 1.11
C GLU A 220 14.63 -15.94 2.22
N SER A 221 15.79 -15.42 1.84
CA SER A 221 16.87 -15.15 2.79
C SER A 221 16.48 -14.09 3.84
N ILE A 222 15.87 -13.00 3.40
CA ILE A 222 15.38 -11.95 4.32
C ILE A 222 14.40 -12.54 5.35
N ILE A 223 13.48 -13.37 4.86
CA ILE A 223 12.43 -13.95 5.68
C ILE A 223 12.97 -15.01 6.65
N SER A 224 13.85 -15.88 6.16
CA SER A 224 14.50 -16.89 7.02
C SER A 224 15.32 -16.26 8.14
N LYS A 225 15.93 -15.11 7.86
CA LYS A 225 16.72 -14.40 8.87
C LYS A 225 15.87 -13.76 9.97
N ARG A 226 14.57 -13.58 9.69
CA ARG A 226 13.62 -13.10 10.70
C ARG A 226 12.97 -14.26 11.47
N ASN A 227 13.47 -15.47 11.23
CA ASN A 227 12.91 -16.73 11.78
C ASN A 227 11.47 -17.02 11.35
N ILE A 228 11.13 -16.62 10.13
CA ILE A 228 9.82 -16.85 9.54
C ILE A 228 10.00 -17.83 8.37
N GLN A 229 9.02 -18.70 8.17
N GLN A 229 9.01 -18.71 8.18
CA GLN A 229 9.03 -19.66 7.08
CA GLN A 229 9.02 -19.67 7.07
C GLN A 229 8.67 -18.98 5.76
C GLN A 229 8.66 -18.99 5.75
N PHE A 230 9.18 -19.54 4.65
CA PHE A 230 8.92 -19.00 3.32
C PHE A 230 8.32 -20.02 2.36
N SER A 231 7.39 -19.56 1.54
CA SER A 231 6.73 -20.39 0.55
C SER A 231 6.51 -19.55 -0.71
N CYS A 232 6.55 -20.19 -1.88
CA CYS A 232 6.35 -19.49 -3.15
C CYS A 232 5.50 -20.30 -4.11
N LYS A 233 4.58 -19.62 -4.79
CA LYS A 233 3.71 -20.23 -5.81
C LYS A 233 3.65 -19.34 -7.04
N ASN A 234 3.55 -19.96 -8.21
CA ASN A 234 3.32 -19.22 -9.45
C ASN A 234 1.82 -19.00 -9.66
N ILE A 235 1.47 -17.79 -10.11
CA ILE A 235 0.14 -17.54 -10.67
C ILE A 235 0.31 -17.38 -12.17
N TYR A 236 0.15 -18.49 -12.88
CA TYR A 236 0.36 -18.53 -14.34
C TYR A 236 -0.74 -17.79 -15.08
N ARG A 237 -1.98 -17.96 -14.62
CA ARG A 237 -3.16 -17.38 -15.26
C ARG A 237 -4.05 -16.70 -14.21
N PRO A 238 -4.00 -15.36 -14.14
CA PRO A 238 -4.79 -14.56 -13.19
C PRO A 238 -6.29 -14.88 -13.17
N ASP A 239 -6.89 -15.05 -14.35
CA ASP A 239 -8.33 -15.32 -14.44
C ASP A 239 -8.70 -16.70 -13.92
N LYS A 240 -7.89 -17.70 -14.24
CA LYS A 240 -8.04 -19.05 -13.70
C LYS A 240 -7.85 -19.05 -12.18
N PHE A 241 -6.87 -18.28 -11.71
CA PHE A 241 -6.60 -18.11 -10.29
C PHE A 241 -7.83 -17.58 -9.55
N LEU A 242 -8.41 -16.50 -10.08
CA LEU A 242 -9.61 -15.88 -9.50
C LEU A 242 -10.82 -16.84 -9.43
N GLN A 243 -10.99 -17.65 -10.47
CA GLN A 243 -12.09 -18.63 -10.55
C GLN A 243 -11.94 -19.75 -9.52
N CYS A 244 -10.70 -20.05 -9.12
CA CYS A 244 -10.42 -21.15 -8.21
C CYS A 244 -10.22 -20.73 -6.76
N VAL A 245 -10.30 -19.44 -6.49
CA VAL A 245 -10.01 -18.88 -5.15
C VAL A 245 -10.80 -19.55 -4.02
N LYS A 246 -12.10 -19.74 -4.20
CA LYS A 246 -12.95 -20.33 -3.16
C LYS A 246 -13.00 -21.87 -3.17
N ASN A 247 -12.41 -22.49 -4.20
CA ASN A 247 -12.33 -23.94 -4.29
C ASN A 247 -10.98 -24.42 -4.85
N PRO A 248 -9.86 -24.10 -4.16
CA PRO A 248 -8.51 -24.27 -4.72
C PRO A 248 -8.03 -25.72 -4.84
N GLU A 249 -8.79 -26.66 -4.28
CA GLU A 249 -8.42 -28.07 -4.31
C GLU A 249 -9.58 -28.97 -4.73
N ASP A 250 -10.17 -28.67 -5.89
CA ASP A 250 -11.30 -29.43 -6.41
C ASP A 250 -10.96 -30.19 -7.70
O3P NMN B . 5.95 -2.65 -2.96
P NMN B . 5.39 -1.37 -3.55
O1P NMN B . 6.31 -0.18 -3.49
O2P NMN B . 4.71 -1.56 -4.88
O5R NMN B . 4.21 -0.99 -2.49
C5R NMN B . 3.13 -1.92 -2.41
C4R NMN B . 2.83 -2.31 -0.97
O4R NMN B . 2.80 -1.19 -0.07
C3R NMN B . 1.44 -2.88 -0.95
O3R NMN B . 1.41 -3.87 0.06
C2R NMN B . 0.56 -1.68 -0.65
O2R NMN B . -0.50 -2.03 0.21
C1R NMN B . 1.48 -0.63 -0.05
N1 NMN B . 1.51 0.58 -0.90
C2 NMN B . 0.43 0.95 -1.58
C3 NMN B . 0.50 2.08 -2.37
C7 NMN B . -0.66 2.51 -3.15
O7 NMN B . -0.50 3.32 -4.06
N7 NMN B . -1.86 1.96 -2.78
C4 NMN B . 1.65 2.82 -2.45
C5 NMN B . 2.75 2.41 -1.72
C6 NMN B . 2.64 1.28 -0.95
#